data_7YY6
#
_entry.id   7YY6
#
_cell.length_a   76.095
_cell.length_b   124.936
_cell.length_c   118.366
_cell.angle_alpha   90.000
_cell.angle_beta   90.000
_cell.angle_gamma   90.000
#
_symmetry.space_group_name_H-M   'C 2 2 21'
#
loop_
_entity.id
_entity.type
_entity.pdbx_description
1 polymer 'Phosphopantetheine adenylyltransferase'
2 non-polymer '6-methylpyridine-2,3-dicarboxylic acid'
3 water water
#
_entity_poly.entity_id   1
_entity_poly.type   'polypeptide(L)'
_entity_poly.pdbx_seq_one_letter_code
;SMTGAVCPGSFDPVTLGHLDVFERAAAQFDEVIVAVLINPNKAGMFTVDERIEMIRESTADLPNLRVESGQGLLVDFVRE
RGLNAIVKGLRTGTDFEYELQMAQMNKHIAGVDTFFVATAPAYSFVSSSLAKEVATYGGDVSALLPASVHQRLLGKLRGQ
AQ
;
_entity_poly.pdbx_strand_id   A,B,C
#
loop_
_chem_comp.id
_chem_comp.type
_chem_comp.name
_chem_comp.formula
I7S non-polymer '6-methylpyridine-2,3-dicarboxylic acid' 'C8 H7 N O4'
#
# COMPACT_ATOMS: atom_id res chain seq x y z
N MET A 2 17.88 30.48 15.84
CA MET A 2 18.06 29.10 16.27
C MET A 2 16.94 28.19 15.76
N THR A 3 16.53 28.40 14.52
CA THR A 3 15.54 27.53 13.87
C THR A 3 16.18 26.22 13.46
N GLY A 4 15.36 25.19 13.29
CA GLY A 4 15.92 23.90 12.92
C GLY A 4 14.88 22.85 12.57
N ALA A 5 15.27 21.87 11.76
CA ALA A 5 14.37 20.81 11.34
C ALA A 5 15.12 19.49 11.25
N VAL A 6 14.36 18.40 11.38
CA VAL A 6 14.87 17.05 11.20
C VAL A 6 14.32 16.48 9.89
N CYS A 7 15.21 15.92 9.08
CA CYS A 7 14.86 15.26 7.82
C CYS A 7 15.03 13.76 8.02
N PRO A 8 13.92 13.03 8.19
CA PRO A 8 13.97 11.60 8.54
C PRO A 8 13.86 10.66 7.35
N GLY A 9 14.37 9.46 7.55
CA GLY A 9 14.23 8.41 6.55
C GLY A 9 15.11 7.23 6.90
N SER A 10 14.99 6.15 6.14
CA SER A 10 15.89 5.02 6.33
C SER A 10 17.13 5.17 5.48
N PHE A 11 17.03 5.92 4.38
CA PHE A 11 18.17 6.26 3.51
C PHE A 11 19.05 5.05 3.20
N ASP A 12 18.43 4.05 2.58
CA ASP A 12 19.07 2.77 2.35
C ASP A 12 19.02 2.39 0.86
N PRO A 13 19.72 3.13 0.00
CA PRO A 13 20.60 4.27 0.24
C PRO A 13 19.94 5.63 0.02
N VAL A 14 20.62 6.69 0.43
CA VAL A 14 20.23 8.05 0.10
C VAL A 14 20.20 8.22 -1.44
N THR A 15 19.23 8.97 -1.94
CA THR A 15 19.11 9.24 -3.36
C THR A 15 19.26 10.73 -3.63
N LEU A 16 19.29 11.12 -4.90
CA LEU A 16 19.35 12.55 -5.20
C LEU A 16 18.01 13.24 -4.87
N GLY A 17 16.94 12.47 -4.78
CA GLY A 17 15.68 13.01 -4.31
C GLY A 17 15.77 13.46 -2.86
N HIS A 18 16.38 12.61 -2.03
CA HIS A 18 16.61 13.00 -0.64
C HIS A 18 17.52 14.21 -0.55
N LEU A 19 18.59 14.20 -1.34
CA LEU A 19 19.55 15.29 -1.25
C LEU A 19 18.93 16.64 -1.62
N ASP A 20 18.05 16.63 -2.62
CA ASP A 20 17.36 17.85 -2.97
C ASP A 20 16.58 18.38 -1.77
N VAL A 21 15.87 17.49 -1.08
CA VAL A 21 15.13 17.91 0.10
C VAL A 21 16.07 18.41 1.20
N PHE A 22 17.18 17.70 1.47
CA PHE A 22 18.17 18.18 2.45
C PHE A 22 18.63 19.60 2.14
N GLU A 23 18.94 19.85 0.87
CA GLU A 23 19.45 21.15 0.45
C GLU A 23 18.43 22.24 0.69
N ARG A 24 17.16 21.97 0.37
CA ARG A 24 16.13 22.96 0.63
C ARG A 24 15.93 23.23 2.11
N ALA A 25 15.95 22.17 2.91
CA ALA A 25 15.82 22.33 4.36
C ALA A 25 17.00 23.15 4.89
N ALA A 26 18.21 22.84 4.42
CA ALA A 26 19.41 23.56 4.89
C ALA A 26 19.40 25.01 4.47
N ALA A 27 18.72 25.32 3.36
CA ALA A 27 18.64 26.70 2.90
C ALA A 27 17.62 27.50 3.69
N GLN A 28 16.70 26.83 4.37
CA GLN A 28 15.56 27.50 4.99
C GLN A 28 15.49 27.43 6.50
N PHE A 29 16.33 26.58 7.10
CA PHE A 29 16.43 26.46 8.56
C PHE A 29 17.88 26.65 9.00
N ASP A 30 18.09 27.20 10.20
CA ASP A 30 19.45 27.46 10.68
C ASP A 30 20.25 26.17 10.81
N GLU A 31 19.63 25.12 11.34
CA GLU A 31 20.30 23.81 11.41
C GLU A 31 19.38 22.69 10.93
N VAL A 32 19.97 21.70 10.28
CA VAL A 32 19.24 20.53 9.85
C VAL A 32 19.92 19.29 10.36
N ILE A 33 19.13 18.36 10.90
CA ILE A 33 19.66 17.06 11.28
C ILE A 33 19.00 16.01 10.41
N VAL A 34 19.80 15.24 9.68
CA VAL A 34 19.29 14.10 8.92
C VAL A 34 19.20 12.94 9.90
N ALA A 35 18.00 12.42 10.15
CA ALA A 35 17.81 11.31 11.06
C ALA A 35 17.72 10.01 10.28
N VAL A 36 18.74 9.18 10.44
CA VAL A 36 18.79 7.88 9.80
C VAL A 36 18.12 6.89 10.73
N LEU A 37 16.85 6.60 10.47
CA LEU A 37 16.06 5.78 11.36
C LEU A 37 16.22 4.31 11.02
N ILE A 38 16.62 3.55 12.04
CA ILE A 38 17.01 2.15 11.89
C ILE A 38 15.95 1.25 12.52
N ASN A 39 15.55 0.21 11.81
CA ASN A 39 14.74 -0.81 12.46
C ASN A 39 15.68 -1.88 12.99
N PRO A 40 15.74 -2.03 14.33
CA PRO A 40 16.74 -2.96 14.87
C PRO A 40 16.41 -4.42 14.57
N ASN A 41 15.25 -4.68 13.97
CA ASN A 41 14.86 -6.06 13.65
C ASN A 41 14.66 -6.33 12.18
N LYS A 42 15.13 -5.42 11.33
CA LYS A 42 15.28 -5.73 9.91
C LYS A 42 16.47 -4.97 9.34
N ALA A 43 17.51 -5.71 9.02
CA ALA A 43 18.68 -5.15 8.37
C ALA A 43 18.30 -4.71 6.97
N GLY A 44 18.90 -3.64 6.51
CA GLY A 44 18.67 -3.22 5.14
C GLY A 44 19.86 -3.65 4.32
N MET A 45 20.01 -3.03 3.16
CA MET A 45 21.15 -3.35 2.31
C MET A 45 22.43 -2.78 2.89
N PHE A 46 22.34 -1.57 3.45
CA PHE A 46 23.50 -0.89 3.98
C PHE A 46 23.46 -0.79 5.50
N THR A 47 24.63 -0.95 6.14
CA THR A 47 24.74 -0.76 7.57
C THR A 47 24.52 0.70 7.94
N VAL A 48 24.24 0.97 9.21
CA VAL A 48 24.09 2.35 9.63
C VAL A 48 25.30 3.22 9.28
N ASP A 49 26.51 2.73 9.52
CA ASP A 49 27.69 3.54 9.24
C ASP A 49 27.82 3.80 7.74
N GLU A 50 27.48 2.81 6.91
CA GLU A 50 27.51 3.00 5.47
C GLU A 50 26.51 4.06 5.02
N ARG A 51 25.30 3.99 5.57
CA ARG A 51 24.26 4.98 5.23
C ARG A 51 24.70 6.38 5.58
N ILE A 52 25.29 6.53 6.78
CA ILE A 52 25.71 7.84 7.25
C ILE A 52 26.87 8.38 6.41
N GLU A 53 27.79 7.49 6.04
CA GLU A 53 28.94 7.91 5.23
C GLU A 53 28.48 8.37 3.84
N MET A 54 27.51 7.68 3.26
CA MET A 54 27.04 8.09 1.94
C MET A 54 26.33 9.45 2.00
N ILE A 55 25.59 9.71 3.07
CA ILE A 55 24.95 11.01 3.20
C ILE A 55 25.98 12.10 3.43
N ARG A 56 26.94 11.86 4.34
CA ARG A 56 27.93 12.88 4.64
C ARG A 56 28.73 13.28 3.41
N GLU A 57 29.11 12.29 2.61
CA GLU A 57 29.94 12.54 1.45
C GLU A 57 29.22 13.36 0.39
N SER A 58 27.89 13.32 0.38
CA SER A 58 27.15 14.08 -0.62
C SER A 58 26.51 15.36 -0.04
N THR A 59 26.77 15.65 1.23
CA THR A 59 26.27 16.88 1.84
C THR A 59 27.39 17.75 2.39
N ALA A 60 28.62 17.53 1.93
CA ALA A 60 29.78 18.24 2.46
C ALA A 60 29.69 19.75 2.24
N ASP A 61 28.94 20.16 1.21
CA ASP A 61 28.76 21.58 0.90
C ASP A 61 27.70 22.26 1.78
N LEU A 62 27.07 21.50 2.67
CA LEU A 62 26.03 22.05 3.54
C LEU A 62 26.55 22.15 4.97
N PRO A 63 27.08 23.32 5.35
CA PRO A 63 27.76 23.43 6.64
C PRO A 63 26.84 23.29 7.85
N ASN A 64 25.54 23.57 7.67
CA ASN A 64 24.62 23.55 8.79
C ASN A 64 23.80 22.27 8.87
N LEU A 65 24.25 21.24 8.16
CA LEU A 65 23.58 19.95 8.18
C LEU A 65 24.46 18.91 8.88
N ARG A 66 23.87 18.13 9.78
CA ARG A 66 24.58 17.01 10.36
C ARG A 66 23.74 15.75 10.29
N VAL A 67 24.38 14.60 10.48
CA VAL A 67 23.73 13.32 10.26
C VAL A 67 23.84 12.43 11.48
N GLU A 68 22.71 11.95 11.99
CA GLU A 68 22.69 11.08 13.17
C GLU A 68 21.69 9.94 13.00
N SER A 69 22.01 8.76 13.51
CA SER A 69 21.02 7.69 13.49
C SER A 69 20.18 7.64 14.74
N GLY A 70 19.07 6.91 14.65
CA GLY A 70 18.16 6.75 15.76
C GLY A 70 17.18 5.63 15.50
N GLN A 71 16.37 5.35 16.50
CA GLN A 71 15.29 4.37 16.38
C GLN A 71 14.16 4.77 17.32
N GLY A 72 13.04 4.06 17.25
CA GLY A 72 11.89 4.41 18.06
C GLY A 72 11.14 5.60 17.51
N LEU A 73 10.49 6.37 18.38
CA LEU A 73 9.66 7.49 17.94
C LEU A 73 10.47 8.64 17.37
N LEU A 74 10.16 9.02 16.14
CA LEU A 74 10.78 10.17 15.53
C LEU A 74 10.61 11.41 16.41
N VAL A 75 9.44 11.62 16.99
CA VAL A 75 9.25 12.86 17.74
C VAL A 75 10.17 12.94 18.97
N ASP A 76 10.58 11.80 19.51
CA ASP A 76 11.55 11.82 20.60
C ASP A 76 12.94 12.25 20.11
N PHE A 77 13.34 11.75 18.94
CA PHE A 77 14.58 12.17 18.30
C PHE A 77 14.59 13.69 18.10
N VAL A 78 13.47 14.20 17.61
CA VAL A 78 13.34 15.62 17.33
C VAL A 78 13.40 16.45 18.62
N ARG A 79 12.58 16.08 19.61
CA ARG A 79 12.45 16.87 20.82
C ARG A 79 13.71 16.81 21.70
N GLU A 80 14.39 15.67 21.69
CA GLU A 80 15.59 15.56 22.53
C GLU A 80 16.72 16.47 22.02
N ARG A 81 16.57 16.97 20.79
CA ARG A 81 17.53 17.90 20.21
C ARG A 81 17.04 19.35 20.29
N GLY A 82 15.95 19.55 21.01
CA GLY A 82 15.41 20.89 21.26
C GLY A 82 14.74 21.49 20.05
N LEU A 83 14.31 20.62 19.14
CA LEU A 83 13.61 21.05 17.93
C LEU A 83 12.16 20.59 17.96
N ASN A 84 11.34 21.11 17.05
CA ASN A 84 9.98 20.58 16.95
C ASN A 84 9.46 20.71 15.53
N ALA A 85 10.35 20.54 14.57
CA ALA A 85 9.94 20.49 13.15
C ALA A 85 10.57 19.32 12.42
N ILE A 86 9.76 18.68 11.57
CA ILE A 86 10.18 17.65 10.64
C ILE A 86 10.01 18.22 9.24
N VAL A 87 10.98 17.99 8.35
CA VAL A 87 10.81 18.30 6.93
C VAL A 87 10.89 16.98 6.18
N LYS A 88 9.80 16.64 5.50
CA LYS A 88 9.68 15.36 4.81
C LYS A 88 9.48 15.62 3.33
N GLY A 89 10.22 14.88 2.50
CA GLY A 89 10.08 15.02 1.06
C GLY A 89 8.90 14.24 0.50
N LEU A 90 8.40 14.72 -0.63
CA LEU A 90 7.36 14.02 -1.39
C LEU A 90 7.92 13.67 -2.77
N ARG A 91 7.63 12.46 -3.24
CA ARG A 91 7.96 12.07 -4.61
C ARG A 91 6.81 11.31 -5.19
N THR A 92 6.91 10.94 -6.46
CA THR A 92 5.87 10.14 -7.09
C THR A 92 5.85 8.76 -6.45
N GLY A 93 4.69 8.36 -5.95
CA GLY A 93 4.57 7.10 -5.23
C GLY A 93 4.67 7.22 -3.72
N THR A 94 4.90 8.43 -3.20
CA THR A 94 4.81 8.65 -1.78
C THR A 94 3.42 8.31 -1.28
N ASP A 95 3.34 7.56 -0.18
CA ASP A 95 2.04 7.34 0.46
C ASP A 95 1.70 8.59 1.29
N PHE A 96 1.15 9.60 0.62
CA PHE A 96 0.94 10.90 1.27
C PHE A 96 -0.11 10.78 2.37
N GLU A 97 -1.15 9.97 2.13
CA GLU A 97 -2.18 9.82 3.16
C GLU A 97 -1.62 9.20 4.43
N TYR A 98 -0.70 8.25 4.31
CA TYR A 98 -0.06 7.72 5.51
C TYR A 98 0.84 8.77 6.16
N GLU A 99 1.58 9.52 5.36
CA GLU A 99 2.41 10.60 5.91
C GLU A 99 1.55 11.63 6.63
N LEU A 100 0.38 11.94 6.08
CA LEU A 100 -0.52 12.89 6.74
C LEU A 100 -1.01 12.33 8.07
N GLN A 101 -1.38 11.05 8.10
CA GLN A 101 -1.81 10.40 9.33
C GLN A 101 -0.72 10.50 10.40
N MET A 102 0.50 10.18 9.99
CA MET A 102 1.64 10.26 10.92
C MET A 102 1.92 11.67 11.38
N ALA A 103 1.78 12.64 10.47
CA ALA A 103 2.00 14.02 10.85
C ALA A 103 0.99 14.49 11.91
N GLN A 104 -0.28 14.11 11.73
CA GLN A 104 -1.30 14.51 12.70
C GLN A 104 -1.08 13.78 14.02
N MET A 105 -0.68 12.51 13.94
CA MET A 105 -0.36 11.79 15.18
C MET A 105 0.85 12.42 15.90
N ASN A 106 1.89 12.77 15.14
CA ASN A 106 3.11 13.33 15.73
C ASN A 106 2.86 14.69 16.38
N LYS A 107 1.97 15.49 15.80
CA LYS A 107 1.57 16.76 16.39
C LYS A 107 0.79 16.51 17.68
N HIS A 108 -0.12 15.54 17.63
CA HIS A 108 -0.94 15.21 18.80
C HIS A 108 -0.10 14.77 19.99
N ILE A 109 0.83 13.85 19.78
CA ILE A 109 1.54 13.27 20.93
C ILE A 109 2.72 14.11 21.40
N ALA A 110 3.23 15.00 20.57
CA ALA A 110 4.47 15.68 20.93
C ALA A 110 4.57 17.14 20.50
N GLY A 111 3.55 17.66 19.83
CA GLY A 111 3.56 19.06 19.45
C GLY A 111 4.50 19.39 18.30
N VAL A 112 4.98 18.37 17.61
CA VAL A 112 5.95 18.53 16.52
C VAL A 112 5.21 18.76 15.20
N ASP A 113 5.69 19.74 14.46
CA ASP A 113 5.11 20.11 13.16
C ASP A 113 5.83 19.39 12.03
N THR A 114 5.09 19.04 10.99
CA THR A 114 5.69 18.42 9.80
C THR A 114 5.45 19.30 8.59
N PHE A 115 6.54 19.65 7.91
CA PHE A 115 6.48 20.40 6.65
C PHE A 115 6.86 19.49 5.53
N PHE A 116 6.01 19.42 4.50
CA PHE A 116 6.28 18.61 3.32
C PHE A 116 6.79 19.43 2.17
N VAL A 117 7.78 18.92 1.45
CA VAL A 117 8.27 19.62 0.27
C VAL A 117 8.43 18.61 -0.86
N ALA A 118 7.92 18.96 -2.03
CA ALA A 118 8.07 18.06 -3.17
C ALA A 118 9.48 18.12 -3.73
N THR A 119 10.08 16.96 -3.99
CA THR A 119 11.39 16.95 -4.60
C THR A 119 11.28 17.42 -6.06
N ALA A 120 12.42 17.83 -6.62
CA ALA A 120 12.48 18.34 -7.98
C ALA A 120 11.93 17.31 -8.95
N PRO A 121 11.26 17.76 -10.01
CA PRO A 121 10.77 16.83 -11.03
C PRO A 121 11.80 15.80 -11.50
N ALA A 122 13.04 16.23 -11.72
CA ALA A 122 14.09 15.32 -12.20
C ALA A 122 14.31 14.14 -11.26
N TYR A 123 14.03 14.34 -9.97
CA TYR A 123 14.27 13.28 -9.00
C TYR A 123 12.98 12.69 -8.44
N SER A 124 11.85 13.04 -9.04
CA SER A 124 10.55 12.72 -8.47
C SER A 124 10.18 11.24 -8.59
N PHE A 125 10.87 10.48 -9.44
CA PHE A 125 10.49 9.07 -9.62
C PHE A 125 11.51 8.10 -9.02
N VAL A 126 12.57 8.62 -8.39
CA VAL A 126 13.48 7.74 -7.69
C VAL A 126 13.00 7.52 -6.26
N SER A 127 13.20 6.29 -5.79
CA SER A 127 13.07 5.98 -4.38
C SER A 127 14.16 5.01 -4.04
N SER A 128 14.51 4.88 -2.76
CA SER A 128 15.53 3.92 -2.39
C SER A 128 15.14 2.53 -2.88
N SER A 129 13.89 2.16 -2.64
CA SER A 129 13.46 0.81 -2.97
C SER A 129 13.45 0.56 -4.47
N LEU A 130 12.95 1.50 -5.26
CA LEU A 130 12.92 1.27 -6.71
C LEU A 130 14.32 1.33 -7.32
N ALA A 131 15.18 2.19 -6.78
CA ALA A 131 16.56 2.23 -7.25
C ALA A 131 17.26 0.89 -7.02
N LYS A 132 17.11 0.35 -5.81
CA LYS A 132 17.67 -0.96 -5.51
C LYS A 132 17.12 -2.05 -6.42
N GLU A 133 15.81 -2.04 -6.66
CA GLU A 133 15.17 -3.05 -7.52
C GLU A 133 15.69 -2.96 -8.94
N VAL A 134 15.72 -1.75 -9.49
CA VAL A 134 16.20 -1.58 -10.85
C VAL A 134 17.67 -2.00 -10.98
N ALA A 135 18.49 -1.60 -10.02
CA ALA A 135 19.92 -1.91 -10.08
C ALA A 135 20.16 -3.41 -9.94
N THR A 136 19.31 -4.08 -9.17
CA THR A 136 19.42 -5.52 -8.95
C THR A 136 19.34 -6.25 -10.28
N TYR A 137 18.52 -5.72 -11.18
CA TYR A 137 18.33 -6.36 -12.48
C TYR A 137 19.06 -5.63 -13.61
N GLY A 138 20.07 -4.85 -13.24
CA GLY A 138 20.99 -4.28 -14.22
C GLY A 138 20.66 -2.93 -14.82
N GLY A 139 19.54 -2.33 -14.40
CA GLY A 139 19.15 -1.04 -14.92
C GLY A 139 20.05 0.08 -14.45
N ASP A 140 20.17 1.11 -15.28
CA ASP A 140 21.08 2.23 -15.03
C ASP A 140 20.43 3.31 -14.18
N VAL A 141 20.81 3.35 -12.91
CA VAL A 141 20.27 4.35 -11.99
C VAL A 141 21.32 5.40 -11.61
N SER A 142 22.44 5.41 -12.35
CA SER A 142 23.58 6.30 -12.06
C SER A 142 23.21 7.78 -12.01
N ALA A 143 22.19 8.20 -12.75
CA ALA A 143 21.84 9.60 -12.77
C ALA A 143 20.89 9.98 -11.62
N LEU A 144 20.51 9.00 -10.81
CA LEU A 144 19.49 9.24 -9.78
C LEU A 144 20.06 9.15 -8.37
N LEU A 145 21.34 8.81 -8.27
CA LEU A 145 22.01 8.61 -7.00
C LEU A 145 23.28 9.43 -6.97
N PRO A 146 23.68 9.91 -5.78
CA PRO A 146 24.94 10.64 -5.70
C PRO A 146 26.13 9.69 -5.92
N ALA A 147 27.27 10.25 -6.32
CA ALA A 147 28.47 9.45 -6.54
C ALA A 147 28.88 8.62 -5.31
N SER A 148 28.53 9.11 -4.12
CA SER A 148 28.88 8.41 -2.88
C SER A 148 28.15 7.07 -2.76
N VAL A 149 27.14 6.86 -3.59
CA VAL A 149 26.26 5.70 -3.46
C VAL A 149 26.38 4.68 -4.58
N HIS A 150 26.50 5.16 -5.81
CA HIS A 150 26.24 4.31 -6.97
C HIS A 150 27.10 3.06 -7.03
N GLN A 151 28.41 3.22 -6.94
CA GLN A 151 29.27 2.06 -7.08
C GLN A 151 29.25 1.20 -5.80
N ARG A 152 29.00 1.82 -4.66
CA ARG A 152 28.79 1.05 -3.42
C ARG A 152 27.56 0.17 -3.55
N LEU A 153 26.52 0.70 -4.18
CA LEU A 153 25.33 -0.09 -4.43
C LEU A 153 25.66 -1.27 -5.35
N LEU A 154 26.40 -1.00 -6.42
CA LEU A 154 26.74 -2.07 -7.35
C LEU A 154 27.58 -3.13 -6.63
N GLY A 155 28.45 -2.69 -5.74
CA GLY A 155 29.26 -3.60 -4.93
C GLY A 155 28.43 -4.53 -4.07
N LYS A 156 27.44 -3.98 -3.37
CA LYS A 156 26.53 -4.81 -2.56
C LYS A 156 25.85 -5.87 -3.42
N LEU A 157 25.43 -5.49 -4.62
CA LEU A 157 24.66 -6.38 -5.47
C LEU A 157 25.53 -7.48 -6.07
N ARG A 158 26.82 -7.22 -6.19
CA ARG A 158 27.75 -8.22 -6.70
C ARG A 158 28.51 -8.90 -5.56
N MET B 2 5.87 -0.99 -38.49
CA MET B 2 5.39 -2.04 -37.60
C MET B 2 5.39 -1.56 -36.15
N THR B 3 4.21 -1.44 -35.57
CA THR B 3 4.07 -0.94 -34.20
C THR B 3 3.90 -2.11 -33.24
N GLY B 4 4.08 -1.87 -31.95
CA GLY B 4 3.97 -2.96 -31.01
C GLY B 4 4.04 -2.54 -29.55
N ALA B 5 3.45 -3.35 -28.68
CA ALA B 5 3.51 -3.06 -27.26
C ALA B 5 3.53 -4.33 -26.44
N VAL B 6 4.02 -4.23 -25.21
CA VAL B 6 4.01 -5.31 -24.25
C VAL B 6 2.98 -5.07 -23.14
N CYS B 7 2.20 -6.10 -22.82
CA CYS B 7 1.26 -6.08 -21.70
C CYS B 7 1.79 -6.98 -20.60
N PRO B 8 2.35 -6.40 -19.53
CA PRO B 8 2.98 -7.17 -18.47
C PRO B 8 2.05 -7.46 -17.29
N GLY B 9 2.31 -8.55 -16.58
CA GLY B 9 1.61 -8.85 -15.35
C GLY B 9 2.00 -10.21 -14.84
N SER B 10 1.45 -10.60 -13.69
CA SER B 10 1.67 -11.95 -13.22
C SER B 10 0.54 -12.87 -13.67
N PHE B 11 -0.64 -12.31 -13.91
CA PHE B 11 -1.78 -13.05 -14.47
C PHE B 11 -1.99 -14.41 -13.79
N ASP B 12 -2.27 -14.37 -12.49
CA ASP B 12 -2.36 -15.57 -11.66
C ASP B 12 -3.70 -15.65 -10.92
N PRO B 13 -4.80 -15.88 -11.66
CA PRO B 13 -4.93 -16.10 -13.10
C PRO B 13 -5.33 -14.84 -13.88
N VAL B 14 -5.26 -14.94 -15.20
CA VAL B 14 -5.79 -13.88 -16.07
C VAL B 14 -7.26 -13.66 -15.79
N THR B 15 -7.71 -12.40 -15.82
CA THR B 15 -9.09 -12.07 -15.58
C THR B 15 -9.71 -11.43 -16.83
N LEU B 16 -11.01 -11.21 -16.82
CA LEU B 16 -11.63 -10.50 -17.93
C LEU B 16 -11.19 -9.04 -17.98
N GLY B 17 -10.72 -8.50 -16.85
CA GLY B 17 -10.15 -7.16 -16.86
C GLY B 17 -8.88 -7.13 -17.69
N HIS B 18 -8.02 -8.13 -17.49
CA HIS B 18 -6.82 -8.26 -18.30
C HIS B 18 -7.14 -8.46 -19.77
N LEU B 19 -8.11 -9.32 -20.03
CA LEU B 19 -8.46 -9.66 -21.41
C LEU B 19 -8.95 -8.42 -22.15
N ASP B 20 -9.74 -7.58 -21.46
CA ASP B 20 -10.25 -6.35 -22.07
C ASP B 20 -9.08 -5.46 -22.52
N VAL B 21 -8.08 -5.31 -21.66
CA VAL B 21 -6.90 -4.54 -21.98
C VAL B 21 -6.12 -5.18 -23.15
N PHE B 22 -5.93 -6.50 -23.10
CA PHE B 22 -5.30 -7.20 -24.22
C PHE B 22 -5.99 -6.92 -25.56
N GLU B 23 -7.30 -6.97 -25.55
CA GLU B 23 -8.09 -6.77 -26.76
C GLU B 23 -7.88 -5.36 -27.28
N ARG B 24 -7.83 -4.40 -26.38
CA ARG B 24 -7.66 -3.03 -26.84
C ARG B 24 -6.26 -2.82 -27.36
N ALA B 25 -5.25 -3.39 -26.70
CA ALA B 25 -3.89 -3.30 -27.21
C ALA B 25 -3.80 -3.95 -28.60
N ALA B 26 -4.40 -5.12 -28.75
CA ALA B 26 -4.30 -5.86 -30.00
C ALA B 26 -5.01 -5.13 -31.13
N ALA B 27 -6.03 -4.35 -30.78
CA ALA B 27 -6.75 -3.56 -31.78
C ALA B 27 -5.98 -2.32 -32.25
N GLN B 28 -5.02 -1.86 -31.45
CA GLN B 28 -4.38 -0.57 -31.71
C GLN B 28 -2.89 -0.67 -32.08
N PHE B 29 -2.29 -1.85 -31.90
CA PHE B 29 -0.88 -2.06 -32.22
C PHE B 29 -0.71 -3.26 -33.15
N ASP B 30 0.29 -3.24 -34.03
CA ASP B 30 0.44 -4.33 -34.98
C ASP B 30 0.78 -5.65 -34.30
N GLU B 31 1.56 -5.55 -33.21
CA GLU B 31 2.03 -6.71 -32.47
C GLU B 31 1.84 -6.46 -30.97
N VAL B 32 1.32 -7.45 -30.25
CA VAL B 32 1.25 -7.36 -28.79
C VAL B 32 1.89 -8.59 -28.19
N ILE B 33 2.72 -8.38 -27.18
CA ILE B 33 3.27 -9.50 -26.42
C ILE B 33 2.82 -9.39 -24.99
N VAL B 34 2.12 -10.41 -24.52
CA VAL B 34 1.78 -10.50 -23.11
C VAL B 34 2.97 -11.11 -22.37
N ALA B 35 3.51 -10.37 -21.41
CA ALA B 35 4.67 -10.82 -20.65
C ALA B 35 4.19 -11.34 -19.31
N VAL B 36 4.30 -12.65 -19.11
CA VAL B 36 3.95 -13.28 -17.85
C VAL B 36 5.18 -13.24 -16.97
N LEU B 37 5.19 -12.30 -16.02
CA LEU B 37 6.36 -12.03 -15.21
C LEU B 37 6.32 -12.86 -13.95
N ILE B 38 7.40 -13.57 -13.64
CA ILE B 38 7.38 -14.46 -12.50
C ILE B 38 8.33 -13.97 -11.40
N ASN B 39 7.93 -14.22 -10.16
CA ASN B 39 8.65 -13.77 -8.98
C ASN B 39 9.35 -14.95 -8.32
N PRO B 40 10.29 -14.67 -7.40
CA PRO B 40 10.90 -15.77 -6.65
C PRO B 40 9.98 -16.25 -5.54
N ALA B 43 5.53 -18.97 -6.92
CA ALA B 43 5.20 -18.18 -5.73
C ALA B 43 3.70 -17.93 -5.64
N GLY B 44 2.95 -18.43 -6.62
CA GLY B 44 1.52 -18.20 -6.67
C GLY B 44 0.68 -19.46 -6.82
N MET B 45 -0.54 -19.30 -7.30
CA MET B 45 -1.45 -20.41 -7.44
C MET B 45 -1.17 -21.27 -8.66
N PHE B 46 -0.95 -20.63 -9.81
CA PHE B 46 -0.70 -21.34 -11.06
C PHE B 46 0.75 -21.25 -11.49
N THR B 47 1.27 -22.32 -12.10
CA THR B 47 2.61 -22.26 -12.65
C THR B 47 2.65 -21.33 -13.85
N VAL B 48 3.85 -20.92 -14.24
CA VAL B 48 4.03 -20.05 -15.40
C VAL B 48 3.39 -20.69 -16.63
N ASP B 49 3.61 -21.98 -16.82
CA ASP B 49 3.03 -22.65 -17.98
C ASP B 49 1.51 -22.66 -17.93
N GLU B 50 0.95 -22.86 -16.74
CA GLU B 50 -0.50 -22.84 -16.60
C GLU B 50 -1.04 -21.46 -16.95
N ARG B 51 -0.34 -20.43 -16.49
CA ARG B 51 -0.80 -19.06 -16.73
C ARG B 51 -0.79 -18.73 -18.21
N ILE B 52 0.28 -19.13 -18.88
CA ILE B 52 0.42 -18.90 -20.33
C ILE B 52 -0.69 -19.61 -21.10
N GLU B 53 -1.01 -20.84 -20.70
CA GLU B 53 -2.06 -21.62 -21.37
C GLU B 53 -3.43 -20.96 -21.21
N MET B 54 -3.71 -20.46 -20.00
CA MET B 54 -4.96 -19.77 -19.73
C MET B 54 -5.07 -18.49 -20.55
N ILE B 55 -3.97 -17.78 -20.71
CA ILE B 55 -3.99 -16.55 -21.51
C ILE B 55 -4.21 -16.91 -23.00
N ARG B 56 -3.52 -17.93 -23.48
CA ARG B 56 -3.68 -18.34 -24.88
C ARG B 56 -5.10 -18.79 -25.20
N GLU B 57 -5.73 -19.52 -24.27
CA GLU B 57 -7.12 -19.92 -24.42
C GLU B 57 -8.00 -18.68 -24.53
N SER B 58 -7.73 -17.70 -23.69
CA SER B 58 -8.57 -16.51 -23.61
C SER B 58 -8.39 -15.55 -24.77
N THR B 59 -7.23 -15.63 -25.43
CA THR B 59 -6.89 -14.71 -26.52
C THR B 59 -6.84 -15.40 -27.87
N ALA B 60 -7.55 -16.51 -28.00
CA ALA B 60 -7.53 -17.29 -29.24
C ALA B 60 -7.88 -16.47 -30.48
N ASP B 61 -8.72 -15.45 -30.31
CA ASP B 61 -9.18 -14.62 -31.41
C ASP B 61 -8.27 -13.43 -31.75
N LEU B 62 -7.11 -13.34 -31.11
CA LEU B 62 -6.20 -12.23 -31.32
C LEU B 62 -4.93 -12.72 -32.01
N PRO B 63 -4.93 -12.73 -33.35
CA PRO B 63 -3.79 -13.34 -34.04
C PRO B 63 -2.48 -12.58 -33.93
N ASN B 64 -2.55 -11.29 -33.58
CA ASN B 64 -1.35 -10.48 -33.47
C ASN B 64 -0.83 -10.36 -32.05
N LEU B 65 -1.39 -11.16 -31.15
CA LEU B 65 -0.98 -11.18 -29.76
C LEU B 65 -0.34 -12.52 -29.46
N ARG B 66 0.83 -12.50 -28.82
CA ARG B 66 1.43 -13.74 -28.34
C ARG B 66 1.79 -13.62 -26.88
N VAL B 67 2.02 -14.77 -26.24
CA VAL B 67 2.23 -14.86 -24.81
C VAL B 67 3.58 -15.49 -24.50
N GLU B 68 4.35 -14.84 -23.64
CA GLU B 68 5.69 -15.32 -23.31
C GLU B 68 5.97 -15.06 -21.84
N SER B 69 6.82 -15.88 -21.25
CA SER B 69 7.24 -15.64 -19.88
C SER B 69 8.46 -14.74 -19.88
N GLY B 70 8.67 -14.04 -18.78
CA GLY B 70 9.83 -13.18 -18.65
C GLY B 70 10.32 -13.13 -17.22
N GLN B 71 11.59 -12.78 -17.07
CA GLN B 71 12.18 -12.51 -15.77
C GLN B 71 13.02 -11.25 -15.86
N GLY B 72 13.26 -10.61 -14.72
CA GLY B 72 14.13 -9.46 -14.67
C GLY B 72 13.46 -8.16 -15.08
N LEU B 73 14.26 -7.24 -15.60
CA LEU B 73 13.80 -5.89 -15.95
C LEU B 73 12.78 -5.93 -17.07
N LEU B 74 11.59 -5.38 -16.82
CA LEU B 74 10.57 -5.32 -17.86
C LEU B 74 11.07 -4.59 -19.10
N VAL B 75 11.82 -3.50 -18.93
CA VAL B 75 12.25 -2.75 -20.10
C VAL B 75 13.24 -3.56 -20.96
N ASP B 76 13.96 -4.49 -20.35
CA ASP B 76 14.82 -5.37 -21.14
C ASP B 76 13.99 -6.33 -21.98
N PHE B 77 12.96 -6.91 -21.37
CA PHE B 77 12.03 -7.78 -22.08
C PHE B 77 11.48 -7.04 -23.30
N VAL B 78 11.08 -5.78 -23.11
CA VAL B 78 10.47 -4.99 -24.18
C VAL B 78 11.48 -4.71 -25.30
N ARG B 79 12.66 -4.24 -24.92
CA ARG B 79 13.66 -3.82 -25.90
C ARG B 79 14.28 -5.00 -26.63
N GLU B 80 14.38 -6.14 -25.95
CA GLU B 80 14.94 -7.35 -26.56
C GLU B 80 14.09 -7.82 -27.72
N ARG B 81 12.81 -7.46 -27.67
CA ARG B 81 11.89 -7.84 -28.73
C ARG B 81 11.64 -6.73 -29.75
N GLY B 82 12.51 -5.73 -29.76
CA GLY B 82 12.46 -4.68 -30.76
C GLY B 82 11.37 -3.64 -30.55
N LEU B 83 10.79 -3.63 -29.35
CA LEU B 83 9.70 -2.70 -29.05
C LEU B 83 10.13 -1.68 -28.01
N ASN B 84 9.31 -0.64 -27.81
CA ASN B 84 9.58 0.29 -26.74
C ASN B 84 8.31 0.95 -26.20
N ALA B 85 7.27 0.14 -26.09
CA ALA B 85 6.01 0.55 -25.48
C ALA B 85 5.45 -0.55 -24.61
N ILE B 86 4.89 -0.12 -23.48
CA ILE B 86 4.17 -0.94 -22.53
C ILE B 86 2.72 -0.46 -22.49
N VAL B 87 1.75 -1.38 -22.49
CA VAL B 87 0.36 -1.02 -22.25
C VAL B 87 -0.08 -1.67 -20.95
N LYS B 88 -0.48 -0.82 -20.00
CA LYS B 88 -0.90 -1.25 -18.65
C LYS B 88 -2.36 -0.91 -18.38
N GLY B 89 -3.11 -1.85 -17.84
CA GLY B 89 -4.49 -1.58 -17.49
C GLY B 89 -4.66 -0.91 -16.13
N LEU B 90 -5.74 -0.16 -16.00
CA LEU B 90 -6.16 0.48 -14.76
C LEU B 90 -7.49 -0.12 -14.31
N ARG B 91 -7.60 -0.41 -13.02
CA ARG B 91 -8.87 -0.89 -12.46
C ARG B 91 -9.05 -0.21 -11.12
N THR B 92 -10.20 -0.42 -10.50
CA THR B 92 -10.43 0.08 -9.14
C THR B 92 -9.47 -0.64 -8.20
N GLY B 93 -8.67 0.14 -7.48
CA GLY B 93 -7.68 -0.43 -6.58
C GLY B 93 -6.27 -0.49 -7.15
N THR B 94 -6.10 -0.11 -8.41
CA THR B 94 -4.77 0.03 -8.97
C THR B 94 -3.98 1.07 -8.19
N ASP B 95 -2.73 0.77 -7.87
CA ASP B 95 -1.86 1.77 -7.25
C ASP B 95 -1.31 2.67 -8.36
N PHE B 96 -2.11 3.65 -8.77
CA PHE B 96 -1.72 4.42 -9.93
C PHE B 96 -0.47 5.25 -9.68
N GLU B 97 -0.29 5.73 -8.46
CA GLU B 97 0.88 6.55 -8.20
C GLU B 97 2.15 5.72 -8.33
N TYR B 98 2.10 4.46 -7.91
CA TYR B 98 3.25 3.59 -8.11
C TYR B 98 3.46 3.26 -9.60
N GLU B 99 2.37 3.01 -10.32
CA GLU B 99 2.48 2.80 -11.75
C GLU B 99 3.10 4.01 -12.45
N LEU B 100 2.73 5.21 -12.02
CA LEU B 100 3.31 6.42 -12.61
C LEU B 100 4.82 6.48 -12.31
N GLN B 101 5.19 6.14 -11.08
CA GLN B 101 6.60 6.13 -10.72
C GLN B 101 7.39 5.17 -11.60
N MET B 102 6.86 3.96 -11.76
CA MET B 102 7.52 2.98 -12.62
C MET B 102 7.56 3.42 -14.09
N ALA B 103 6.50 4.06 -14.57
CA ALA B 103 6.52 4.52 -15.96
C ALA B 103 7.62 5.55 -16.18
N GLN B 104 7.75 6.50 -15.25
CA GLN B 104 8.78 7.52 -15.40
C GLN B 104 10.17 6.91 -15.25
N MET B 105 10.31 5.96 -14.33
CA MET B 105 11.57 5.24 -14.22
C MET B 105 11.92 4.47 -15.48
N ASN B 106 10.93 3.75 -16.02
CA ASN B 106 11.16 2.96 -17.23
C ASN B 106 11.50 3.82 -18.45
N LYS B 107 10.88 5.00 -18.55
CA LYS B 107 11.24 5.92 -19.63
C LYS B 107 12.68 6.42 -19.44
N HIS B 108 13.04 6.71 -18.21
CA HIS B 108 14.37 7.23 -17.91
C HIS B 108 15.47 6.21 -18.22
N ILE B 109 15.30 4.97 -17.77
CA ILE B 109 16.39 4.01 -17.89
C ILE B 109 16.47 3.37 -19.28
N ALA B 110 15.40 3.41 -20.06
CA ALA B 110 15.42 2.66 -21.32
C ALA B 110 14.64 3.28 -22.49
N GLY B 111 14.03 4.43 -22.27
CA GLY B 111 13.33 5.13 -23.34
C GLY B 111 11.99 4.52 -23.73
N VAL B 112 11.50 3.61 -22.89
CA VAL B 112 10.25 2.91 -23.12
C VAL B 112 9.07 3.73 -22.61
N ASP B 113 8.05 3.88 -23.46
CA ASP B 113 6.82 4.58 -23.11
C ASP B 113 5.80 3.65 -22.48
N THR B 114 4.99 4.17 -21.57
CA THR B 114 3.91 3.41 -20.99
C THR B 114 2.58 4.09 -21.25
N PHE B 115 1.65 3.35 -21.85
CA PHE B 115 0.30 3.83 -22.06
C PHE B 115 -0.65 3.12 -21.13
N PHE B 116 -1.49 3.88 -20.46
CA PHE B 116 -2.45 3.31 -19.52
C PHE B 116 -3.83 3.33 -20.12
N VAL B 117 -4.59 2.25 -19.90
CA VAL B 117 -5.96 2.21 -20.37
C VAL B 117 -6.85 1.62 -19.27
N ALA B 118 -7.96 2.29 -19.00
CA ALA B 118 -8.87 1.79 -17.98
C ALA B 118 -9.68 0.64 -18.52
N THR B 119 -9.79 -0.43 -17.74
CA THR B 119 -10.63 -1.54 -18.17
C THR B 119 -12.10 -1.14 -18.08
N ALA B 120 -12.96 -1.89 -18.78
CA ALA B 120 -14.38 -1.58 -18.81
C ALA B 120 -14.95 -1.59 -17.41
N PRO B 121 -15.97 -0.76 -17.17
CA PRO B 121 -16.58 -0.72 -15.84
C PRO B 121 -16.97 -2.11 -15.31
N ALA B 122 -17.49 -2.98 -16.18
CA ALA B 122 -17.95 -4.31 -15.75
C ALA B 122 -16.83 -5.15 -15.15
N TYR B 123 -15.60 -4.89 -15.58
CA TYR B 123 -14.46 -5.67 -15.12
C TYR B 123 -13.54 -4.86 -14.21
N SER B 124 -14.00 -3.70 -13.77
CA SER B 124 -13.16 -2.75 -13.05
C SER B 124 -12.88 -3.11 -11.59
N PHE B 125 -13.61 -4.06 -11.03
CA PHE B 125 -13.38 -4.40 -9.62
C PHE B 125 -12.80 -5.81 -9.45
N VAL B 126 -12.56 -6.53 -10.55
CA VAL B 126 -11.88 -7.81 -10.43
C VAL B 126 -10.36 -7.60 -10.43
N SER B 127 -9.67 -8.43 -9.66
CA SER B 127 -8.23 -8.53 -9.71
C SER B 127 -7.91 -10.01 -9.51
N SER B 128 -6.73 -10.44 -9.92
CA SER B 128 -6.35 -11.83 -9.73
C SER B 128 -6.45 -12.20 -8.26
N SER B 129 -5.90 -11.34 -7.41
CA SER B 129 -5.86 -11.62 -5.98
C SER B 129 -7.24 -11.69 -5.36
N LEU B 130 -8.12 -10.74 -5.70
CA LEU B 130 -9.42 -10.70 -5.07
C LEU B 130 -10.32 -11.83 -5.61
N ALA B 131 -10.16 -12.17 -6.90
CA ALA B 131 -10.90 -13.29 -7.45
C ALA B 131 -10.55 -14.61 -6.75
N LYS B 132 -9.26 -14.84 -6.54
CA LYS B 132 -8.80 -16.02 -5.81
C LYS B 132 -9.35 -16.04 -4.39
N GLU B 133 -9.32 -14.89 -3.71
CA GLU B 133 -9.77 -14.81 -2.33
C GLU B 133 -11.26 -15.12 -2.25
N VAL B 134 -12.05 -14.51 -3.12
CA VAL B 134 -13.48 -14.74 -3.12
C VAL B 134 -13.79 -16.20 -3.45
N ALA B 135 -13.13 -16.75 -4.47
CA ALA B 135 -13.35 -18.13 -4.88
C ALA B 135 -12.97 -19.11 -3.77
N THR B 136 -11.90 -18.81 -3.04
CA THR B 136 -11.43 -19.66 -1.96
C THR B 136 -12.53 -19.92 -0.94
N TYR B 137 -13.37 -18.92 -0.68
CA TYR B 137 -14.43 -19.04 0.31
C TYR B 137 -15.79 -19.28 -0.31
N GLY B 138 -15.79 -19.76 -1.56
CA GLY B 138 -17.00 -20.21 -2.20
C GLY B 138 -17.82 -19.14 -2.91
N GLY B 139 -17.26 -17.95 -3.07
CA GLY B 139 -17.94 -16.91 -3.81
C GLY B 139 -17.88 -17.16 -5.31
N ASP B 140 -18.88 -16.66 -6.03
CA ASP B 140 -18.99 -16.92 -7.46
C ASP B 140 -18.41 -15.78 -8.32
N VAL B 141 -17.21 -15.99 -8.85
CA VAL B 141 -16.55 -14.99 -9.68
C VAL B 141 -16.57 -15.39 -11.16
N SER B 142 -17.51 -16.27 -11.52
CA SER B 142 -17.53 -16.80 -12.89
C SER B 142 -17.81 -15.74 -13.95
N ALA B 143 -18.45 -14.63 -13.57
CA ALA B 143 -18.75 -13.57 -14.53
C ALA B 143 -17.55 -12.64 -14.74
N LEU B 144 -16.50 -12.87 -13.97
CA LEU B 144 -15.34 -11.98 -13.99
C LEU B 144 -14.09 -12.60 -14.60
N LEU B 145 -14.18 -13.88 -14.97
CA LEU B 145 -13.05 -14.65 -15.47
C LEU B 145 -13.45 -15.34 -16.76
N PRO B 146 -12.48 -15.58 -17.67
CA PRO B 146 -12.74 -16.46 -18.81
C PRO B 146 -13.23 -17.82 -18.33
N ALA B 147 -14.08 -18.47 -19.12
CA ALA B 147 -14.70 -19.73 -18.70
C ALA B 147 -13.66 -20.78 -18.36
N SER B 148 -12.62 -20.86 -19.18
CA SER B 148 -11.55 -21.84 -18.99
C SER B 148 -10.79 -21.61 -17.69
N VAL B 149 -10.63 -20.34 -17.33
CA VAL B 149 -9.95 -19.99 -16.10
C VAL B 149 -10.77 -20.38 -14.89
N HIS B 150 -12.06 -20.09 -14.91
CA HIS B 150 -12.93 -20.38 -13.78
C HIS B 150 -12.94 -21.88 -13.52
N GLN B 151 -12.97 -22.66 -14.59
CA GLN B 151 -12.90 -24.12 -14.50
C GLN B 151 -11.62 -24.56 -13.78
N ARG B 152 -10.48 -24.06 -14.22
CA ARG B 152 -9.20 -24.40 -13.61
C ARG B 152 -9.09 -23.96 -12.16
N LEU B 153 -9.69 -22.82 -11.84
CA LEU B 153 -9.62 -22.24 -10.50
C LEU B 153 -10.32 -23.15 -9.51
N LEU B 154 -11.50 -23.62 -9.86
CA LEU B 154 -12.25 -24.57 -9.04
C LEU B 154 -11.43 -25.85 -8.83
N GLY B 155 -10.68 -26.22 -9.85
CA GLY B 155 -9.82 -27.39 -9.78
C GLY B 155 -8.71 -27.26 -8.75
N LYS B 156 -8.00 -26.14 -8.81
CA LYS B 156 -6.89 -25.90 -7.87
C LYS B 156 -7.38 -25.76 -6.43
N LEU B 157 -8.65 -25.41 -6.25
CA LEU B 157 -9.21 -25.21 -4.92
C LEU B 157 -9.80 -26.50 -4.35
N ARG B 158 -10.42 -27.30 -5.20
CA ARG B 158 -11.04 -28.55 -4.77
C ARG B 158 -10.09 -29.73 -4.93
N MET C 2 -37.08 -2.98 10.32
CA MET C 2 -36.18 -4.13 10.31
C MET C 2 -34.88 -3.82 9.58
N THR C 3 -34.32 -2.63 9.79
CA THR C 3 -33.08 -2.26 9.13
C THR C 3 -31.88 -2.72 9.93
N GLY C 4 -30.73 -2.86 9.27
CA GLY C 4 -29.55 -3.38 9.92
C GLY C 4 -28.30 -3.25 9.09
N ALA C 5 -27.16 -3.18 9.77
CA ALA C 5 -25.87 -3.10 9.10
C ALA C 5 -24.79 -3.84 9.90
N VAL C 6 -23.77 -4.29 9.20
CA VAL C 6 -22.61 -4.93 9.81
C VAL C 6 -21.42 -3.98 9.71
N CYS C 7 -20.74 -3.78 10.84
CA CYS C 7 -19.51 -2.99 10.90
C CYS C 7 -18.32 -3.92 11.09
N PRO C 8 -17.55 -4.16 10.03
CA PRO C 8 -16.44 -5.12 10.03
C PRO C 8 -15.09 -4.49 10.33
N GLY C 9 -14.16 -5.31 10.81
CA GLY C 9 -12.80 -4.88 11.08
C GLY C 9 -12.08 -5.95 11.86
N SER C 10 -10.77 -5.76 12.08
CA SER C 10 -10.00 -6.68 12.91
C SER C 10 -10.02 -6.19 14.36
N PHE C 11 -10.13 -4.87 14.53
CA PHE C 11 -10.28 -4.22 15.83
C PHE C 11 -9.27 -4.71 16.87
N ASP C 12 -7.99 -4.52 16.56
CA ASP C 12 -6.92 -5.05 17.39
C ASP C 12 -5.98 -3.94 17.89
N PRO C 13 -6.43 -3.10 18.82
CA PRO C 13 -7.74 -3.07 19.47
C PRO C 13 -8.69 -2.08 18.80
N VAL C 14 -9.95 -2.11 19.22
CA VAL C 14 -10.91 -1.07 18.86
C VAL C 14 -10.41 0.30 19.32
N THR C 15 -10.62 1.31 18.47
CA THR C 15 -10.26 2.69 18.79
C THR C 15 -11.49 3.56 18.93
N LEU C 16 -11.29 4.81 19.33
CA LEU C 16 -12.40 5.75 19.37
C LEU C 16 -12.87 6.09 17.96
N GLY C 17 -11.99 5.93 16.98
CA GLY C 17 -12.40 6.10 15.59
C GLY C 17 -13.43 5.06 15.20
N HIS C 18 -13.19 3.81 15.59
CA HIS C 18 -14.16 2.74 15.38
C HIS C 18 -15.44 3.02 16.15
N LEU C 19 -15.30 3.37 17.43
CA LEU C 19 -16.46 3.59 18.26
C LEU C 19 -17.37 4.69 17.69
N ASP C 20 -16.77 5.74 17.16
CA ASP C 20 -17.53 6.82 16.56
C ASP C 20 -18.40 6.28 15.41
N VAL C 21 -17.81 5.43 14.57
CA VAL C 21 -18.54 4.81 13.48
C VAL C 21 -19.65 3.87 13.98
N PHE C 22 -19.34 3.05 14.99
CA PHE C 22 -20.35 2.19 15.61
C PHE C 22 -21.56 3.00 16.08
N GLU C 23 -21.28 4.12 16.74
CA GLU C 23 -22.33 4.96 17.32
C GLU C 23 -23.23 5.52 16.22
N ARG C 24 -22.63 5.94 15.12
CA ARG C 24 -23.41 6.49 14.02
C ARG C 24 -24.24 5.40 13.36
N ALA C 25 -23.65 4.22 13.15
CA ALA C 25 -24.37 3.08 12.59
C ALA C 25 -25.56 2.72 13.49
N ALA C 26 -25.32 2.68 14.80
CA ALA C 26 -26.37 2.32 15.75
C ALA C 26 -27.47 3.37 15.84
N ALA C 27 -27.13 4.62 15.52
CA ALA C 27 -28.09 5.72 15.50
C ALA C 27 -28.97 5.75 14.24
N GLN C 28 -28.53 5.07 13.17
CA GLN C 28 -29.19 5.19 11.89
C GLN C 28 -29.77 3.86 11.38
N PHE C 29 -29.42 2.77 12.04
CA PHE C 29 -29.97 1.46 11.70
C PHE C 29 -30.55 0.79 12.95
N ASP C 30 -31.64 0.03 12.78
CA ASP C 30 -32.28 -0.64 13.91
C ASP C 30 -31.38 -1.63 14.63
N GLU C 31 -30.55 -2.32 13.85
CA GLU C 31 -29.71 -3.39 14.36
C GLU C 31 -28.29 -3.25 13.81
N VAL C 32 -27.29 -3.36 14.67
CA VAL C 32 -25.90 -3.30 14.21
C VAL C 32 -25.13 -4.49 14.75
N ILE C 33 -24.39 -5.16 13.88
CA ILE C 33 -23.51 -6.24 14.29
C ILE C 33 -22.06 -5.86 13.99
N VAL C 34 -21.25 -5.78 15.02
CA VAL C 34 -19.83 -5.58 14.80
C VAL C 34 -19.18 -6.93 14.51
N ALA C 35 -18.56 -7.04 13.35
CA ALA C 35 -17.94 -8.28 12.93
C ALA C 35 -16.44 -8.24 13.13
N VAL C 36 -15.96 -9.02 14.10
CA VAL C 36 -14.53 -9.12 14.35
C VAL C 36 -13.93 -10.20 13.47
N LEU C 37 -13.30 -9.77 12.38
CA LEU C 37 -12.79 -10.75 11.40
C LEU C 37 -11.47 -11.31 11.87
N ILE C 38 -11.49 -12.62 12.14
CA ILE C 38 -10.41 -13.47 12.71
C ILE C 38 -9.14 -13.57 11.84
N ASN C 39 -9.23 -13.91 10.56
CA ASN C 39 -7.95 -14.13 9.81
C ASN C 39 -7.02 -12.91 9.80
N LYS C 42 -2.59 -13.27 10.52
CA LYS C 42 -1.78 -12.77 11.62
C LYS C 42 -2.50 -12.90 12.95
N ALA C 43 -1.77 -13.31 13.98
CA ALA C 43 -2.35 -13.48 15.31
C ALA C 43 -2.73 -12.13 15.94
N GLY C 44 -1.94 -11.10 15.62
CA GLY C 44 -2.18 -9.78 16.17
C GLY C 44 -1.75 -9.67 17.62
N MET C 45 -2.23 -8.64 18.31
CA MET C 45 -1.87 -8.41 19.70
C MET C 45 -2.88 -9.04 20.65
N PHE C 46 -4.15 -8.80 20.41
CA PHE C 46 -5.21 -9.32 21.26
C PHE C 46 -5.87 -10.54 20.65
N THR C 47 -6.36 -11.44 21.49
CA THR C 47 -7.12 -12.59 21.00
C THR C 47 -8.53 -12.15 20.59
N VAL C 48 -9.20 -13.00 19.82
CA VAL C 48 -10.55 -12.67 19.36
C VAL C 48 -11.48 -12.37 20.53
N ASP C 49 -11.43 -13.18 21.58
CA ASP C 49 -12.28 -12.97 22.74
C ASP C 49 -11.97 -11.65 23.44
N GLU C 50 -10.69 -11.29 23.50
CA GLU C 50 -10.27 -10.03 24.10
C GLU C 50 -10.79 -8.84 23.31
N ARG C 51 -10.68 -8.94 21.98
CA ARG C 51 -11.15 -7.88 21.09
C ARG C 51 -12.64 -7.69 21.26
N ILE C 52 -13.35 -8.81 21.26
CA ILE C 52 -14.80 -8.81 21.44
C ILE C 52 -15.18 -8.17 22.78
N GLU C 53 -14.49 -8.57 23.85
CA GLU C 53 -14.72 -8.02 25.16
C GLU C 53 -14.54 -6.51 25.19
N MET C 54 -13.43 -6.05 24.61
CA MET C 54 -13.14 -4.61 24.59
C MET C 54 -14.18 -3.82 23.81
N ILE C 55 -14.69 -4.39 22.72
CA ILE C 55 -15.74 -3.71 21.97
C ILE C 55 -17.04 -3.67 22.77
N ARG C 56 -17.41 -4.80 23.38
CA ARG C 56 -18.62 -4.88 24.20
C ARG C 56 -18.58 -3.88 25.36
N GLU C 57 -17.44 -3.79 26.03
CA GLU C 57 -17.24 -2.82 27.10
C GLU C 57 -17.41 -1.38 26.62
N SER C 58 -16.94 -1.11 25.42
CA SER C 58 -16.95 0.24 24.88
C SER C 58 -18.31 0.62 24.30
N THR C 59 -19.16 -0.36 24.06
CA THR C 59 -20.45 -0.11 23.43
C THR C 59 -21.66 -0.43 24.32
N ALA C 60 -21.44 -0.44 25.64
CA ALA C 60 -22.49 -0.80 26.59
C ALA C 60 -23.71 0.11 26.50
N ASP C 61 -23.51 1.32 25.97
CA ASP C 61 -24.58 2.29 25.86
C ASP C 61 -25.30 2.18 24.52
N LEU C 62 -24.98 1.15 23.74
CA LEU C 62 -25.63 0.92 22.45
C LEU C 62 -26.41 -0.39 22.50
N PRO C 63 -27.69 -0.31 22.88
CA PRO C 63 -28.54 -1.48 23.13
C PRO C 63 -28.82 -2.30 21.88
N ASN C 64 -28.79 -1.64 20.72
CA ASN C 64 -29.10 -2.32 19.46
C ASN C 64 -27.86 -2.80 18.73
N LEU C 65 -26.72 -2.78 19.41
CA LEU C 65 -25.45 -3.26 18.85
C LEU C 65 -24.99 -4.53 19.55
N ARG C 66 -24.54 -5.50 18.76
CA ARG C 66 -23.91 -6.70 19.29
C ARG C 66 -22.62 -7.02 18.56
N VAL C 67 -21.82 -7.89 19.15
CA VAL C 67 -20.47 -8.17 18.68
C VAL C 67 -20.27 -9.66 18.50
N GLU C 68 -19.85 -10.04 17.31
CA GLU C 68 -19.61 -11.43 16.98
C GLU C 68 -18.34 -11.56 16.15
N SER C 69 -17.66 -12.68 16.26
CA SER C 69 -16.51 -12.96 15.41
C SER C 69 -16.99 -13.63 14.13
N GLY C 70 -16.16 -13.60 13.09
CA GLY C 70 -16.53 -14.23 11.85
C GLY C 70 -15.32 -14.65 11.06
N GLN C 71 -15.50 -15.71 10.25
CA GLN C 71 -14.48 -16.20 9.34
C GLN C 71 -15.06 -16.17 7.92
N GLY C 72 -14.22 -16.34 6.91
CA GLY C 72 -14.73 -16.45 5.54
C GLY C 72 -15.21 -15.14 4.97
N LEU C 73 -15.99 -15.20 3.89
CA LEU C 73 -16.43 -13.98 3.21
C LEU C 73 -17.28 -13.10 4.13
N LEU C 74 -16.96 -11.82 4.15
CA LEU C 74 -17.76 -10.87 4.90
C LEU C 74 -19.22 -10.89 4.43
N VAL C 75 -19.45 -11.07 3.14
CA VAL C 75 -20.83 -11.04 2.65
C VAL C 75 -21.65 -12.21 3.19
N ASP C 76 -20.99 -13.33 3.47
CA ASP C 76 -21.70 -14.47 4.05
C ASP C 76 -22.09 -14.18 5.49
N PHE C 77 -21.16 -13.57 6.23
CA PHE C 77 -21.45 -13.14 7.60
C PHE C 77 -22.68 -12.25 7.62
N VAL C 78 -22.74 -11.31 6.69
CA VAL C 78 -23.83 -10.36 6.61
C VAL C 78 -25.13 -11.06 6.24
N ARG C 79 -25.09 -11.85 5.17
CA ARG C 79 -26.30 -12.48 4.64
C ARG C 79 -26.85 -13.56 5.57
N GLU C 80 -25.96 -14.30 6.23
CA GLU C 80 -26.39 -15.35 7.17
C GLU C 80 -27.10 -14.79 8.40
N ARG C 81 -27.02 -13.46 8.57
CA ARG C 81 -27.74 -12.78 9.65
C ARG C 81 -28.94 -12.00 9.13
N GLY C 82 -29.33 -12.25 7.88
CA GLY C 82 -30.51 -11.64 7.30
C GLY C 82 -30.35 -10.19 6.87
N LEU C 83 -29.11 -9.70 6.85
CA LEU C 83 -28.86 -8.31 6.46
C LEU C 83 -28.20 -8.24 5.09
N ASN C 84 -28.11 -7.03 4.53
CA ASN C 84 -27.32 -6.84 3.31
C ASN C 84 -26.75 -5.42 3.23
N ALA C 85 -26.29 -4.92 4.37
CA ALA C 85 -25.58 -3.64 4.41
C ALA C 85 -24.35 -3.74 5.30
N ILE C 86 -23.28 -3.12 4.83
CA ILE C 86 -22.04 -2.94 5.56
C ILE C 86 -21.85 -1.46 5.82
N VAL C 87 -21.45 -1.08 7.04
CA VAL C 87 -21.06 0.30 7.29
C VAL C 87 -19.57 0.31 7.64
N LYS C 88 -18.80 1.05 6.85
CA LYS C 88 -17.35 1.05 6.96
C LYS C 88 -16.85 2.46 7.20
N GLY C 89 -15.97 2.63 8.19
CA GLY C 89 -15.46 3.96 8.47
C GLY C 89 -14.29 4.35 7.60
N LEU C 90 -14.12 5.67 7.43
CA LEU C 90 -12.97 6.24 6.73
C LEU C 90 -12.18 7.09 7.70
N ARG C 91 -10.86 6.97 7.63
CA ARG C 91 -9.94 7.78 8.41
C ARG C 91 -8.80 8.22 7.52
N THR C 92 -7.92 9.07 8.04
CA THR C 92 -6.74 9.45 7.27
C THR C 92 -5.84 8.24 7.13
N GLY C 93 -5.55 7.86 5.90
CA GLY C 93 -4.74 6.67 5.66
C GLY C 93 -5.53 5.46 5.25
N THR C 94 -6.86 5.55 5.27
CA THR C 94 -7.68 4.48 4.72
C THR C 94 -7.34 4.25 3.26
N ASP C 95 -7.19 3.00 2.87
CA ASP C 95 -7.01 2.67 1.45
C ASP C 95 -8.39 2.63 0.80
N PHE C 96 -8.88 3.81 0.43
CA PHE C 96 -10.26 3.94 -0.01
C PHE C 96 -10.45 3.27 -1.36
N GLU C 97 -9.44 3.33 -2.22
CA GLU C 97 -9.56 2.68 -3.53
C GLU C 97 -9.73 1.17 -3.36
N TYR C 98 -9.01 0.56 -2.42
CA TYR C 98 -9.21 -0.85 -2.20
C TYR C 98 -10.58 -1.12 -1.58
N GLU C 99 -11.03 -0.26 -0.66
CA GLU C 99 -12.37 -0.40 -0.08
C GLU C 99 -13.45 -0.30 -1.16
N LEU C 100 -13.25 0.58 -2.13
CA LEU C 100 -14.22 0.70 -3.23
C LEU C 100 -14.23 -0.57 -4.08
N GLN C 101 -13.05 -1.12 -4.34
CA GLN C 101 -12.96 -2.37 -5.11
C GLN C 101 -13.75 -3.47 -4.39
N MET C 102 -13.54 -3.60 -3.09
CA MET C 102 -14.23 -4.62 -2.33
C MET C 102 -15.73 -4.37 -2.26
N ALA C 103 -16.13 -3.10 -2.15
CA ALA C 103 -17.55 -2.79 -2.12
C ALA C 103 -18.21 -3.21 -3.42
N GLN C 104 -17.56 -2.94 -4.55
CA GLN C 104 -18.17 -3.30 -5.82
C GLN C 104 -18.21 -4.83 -5.96
N MET C 105 -17.15 -5.51 -5.50
CA MET C 105 -17.12 -6.98 -5.54
C MET C 105 -18.20 -7.56 -4.65
N ASN C 106 -18.33 -7.02 -3.44
CA ASN C 106 -19.33 -7.53 -2.50
C ASN C 106 -20.75 -7.34 -2.99
N LYS C 107 -21.02 -6.22 -3.67
CA LYS C 107 -22.33 -6.01 -4.26
C LYS C 107 -22.56 -7.01 -5.38
N HIS C 108 -21.51 -7.28 -6.15
CA HIS C 108 -21.64 -8.18 -7.30
C HIS C 108 -21.93 -9.62 -6.85
N ILE C 109 -21.22 -10.10 -5.84
CA ILE C 109 -21.33 -11.52 -5.51
C ILE C 109 -22.47 -11.83 -4.56
N ALA C 110 -23.00 -10.82 -3.86
CA ALA C 110 -24.01 -11.10 -2.83
C ALA C 110 -25.10 -10.04 -2.66
N GLY C 111 -25.07 -8.98 -3.47
CA GLY C 111 -26.06 -7.93 -3.40
C GLY C 111 -26.01 -7.10 -2.13
N VAL C 112 -24.86 -7.12 -1.47
CA VAL C 112 -24.67 -6.35 -0.24
C VAL C 112 -24.17 -4.95 -0.54
N ASP C 113 -24.84 -3.95 0.01
CA ASP C 113 -24.44 -2.54 -0.12
C ASP C 113 -23.40 -2.18 0.91
N THR C 114 -22.48 -1.28 0.55
CA THR C 114 -21.53 -0.73 1.51
C THR C 114 -21.70 0.77 1.63
N PHE C 115 -21.89 1.23 2.86
CA PHE C 115 -21.98 2.66 3.14
C PHE C 115 -20.72 3.09 3.86
N PHE C 116 -20.10 4.16 3.37
CA PHE C 116 -18.87 4.68 4.01
C PHE C 116 -19.19 5.93 4.80
N VAL C 117 -18.62 6.04 6.00
CA VAL C 117 -18.78 7.26 6.78
C VAL C 117 -17.43 7.67 7.35
N ALA C 118 -17.10 8.95 7.21
CA ALA C 118 -15.86 9.46 7.78
C ALA C 118 -15.96 9.59 9.28
N THR C 119 -14.95 9.12 10.01
CA THR C 119 -14.92 9.28 11.45
C THR C 119 -14.66 10.75 11.78
N ALA C 120 -14.97 11.14 13.02
CA ALA C 120 -14.80 12.52 13.45
C ALA C 120 -13.37 12.98 13.26
N PRO C 121 -13.18 14.26 12.93
CA PRO C 121 -11.80 14.78 12.79
C PRO C 121 -10.89 14.43 13.97
N ALA C 122 -11.41 14.52 15.19
CA ALA C 122 -10.58 14.23 16.37
C ALA C 122 -10.01 12.81 16.37
N TYR C 123 -10.70 11.89 15.71
CA TYR C 123 -10.26 10.49 15.71
C TYR C 123 -9.77 10.06 14.34
N SER C 124 -9.53 11.04 13.47
CA SER C 124 -9.27 10.74 12.06
C SER C 124 -7.84 10.24 11.80
N PHE C 125 -6.95 10.38 12.76
CA PHE C 125 -5.56 9.95 12.53
C PHE C 125 -5.17 8.74 13.38
N VAL C 126 -6.10 8.20 14.15
CA VAL C 126 -5.81 6.98 14.90
C VAL C 126 -6.15 5.78 14.02
N SER C 127 -5.35 4.73 14.15
CA SER C 127 -5.67 3.42 13.60
C SER C 127 -5.21 2.44 14.65
N SER C 128 -5.68 1.20 14.59
CA SER C 128 -5.21 0.20 15.53
C SER C 128 -3.69 0.06 15.44
N SER C 129 -3.18 -0.02 14.21
CA SER C 129 -1.75 -0.24 14.00
C SER C 129 -0.92 0.91 14.54
N LEU C 130 -1.28 2.14 14.19
CA LEU C 130 -0.47 3.28 14.62
C LEU C 130 -0.56 3.49 16.12
N ALA C 131 -1.73 3.24 16.72
CA ALA C 131 -1.87 3.35 18.16
C ALA C 131 -0.97 2.35 18.90
N LYS C 132 -0.90 1.12 18.41
CA LYS C 132 -0.03 0.12 19.02
C LYS C 132 1.43 0.50 18.88
N GLU C 133 1.82 0.96 17.70
CA GLU C 133 3.19 1.37 17.43
C GLU C 133 3.62 2.50 18.34
N VAL C 134 2.81 3.55 18.41
CA VAL C 134 3.13 4.69 19.25
C VAL C 134 3.19 4.30 20.73
N ALA C 135 2.21 3.53 21.18
CA ALA C 135 2.18 3.13 22.59
C ALA C 135 3.37 2.23 22.94
N THR C 136 3.79 1.40 21.98
CA THR C 136 4.94 0.51 22.17
C THR C 136 6.19 1.31 22.54
N TYR C 137 6.31 2.50 21.95
CA TYR C 137 7.50 3.32 22.15
C TYR C 137 7.27 4.43 23.16
N GLY C 138 6.21 4.29 23.95
CA GLY C 138 5.97 5.18 25.06
C GLY C 138 5.14 6.41 24.78
N GLY C 139 4.60 6.54 23.58
CA GLY C 139 3.74 7.66 23.27
C GLY C 139 2.38 7.54 23.94
N ASP C 140 1.78 8.67 24.27
CA ASP C 140 0.49 8.68 24.95
C ASP C 140 -0.66 8.69 23.96
N VAL C 141 -1.36 7.56 23.87
CA VAL C 141 -2.50 7.41 22.99
C VAL C 141 -3.81 7.33 23.79
N SER C 142 -3.79 7.76 25.05
CA SER C 142 -4.97 7.64 25.92
C SER C 142 -6.17 8.45 25.44
N ALA C 143 -5.94 9.49 24.65
CA ALA C 143 -7.05 10.31 24.17
C ALA C 143 -7.73 9.68 22.95
N LEU C 144 -7.17 8.56 22.48
CA LEU C 144 -7.57 8.01 21.17
C LEU C 144 -8.21 6.64 21.27
N LEU C 145 -8.31 6.12 22.51
CA LEU C 145 -8.83 4.79 22.76
C LEU C 145 -9.82 4.85 23.90
N PRO C 146 -10.79 3.91 23.92
CA PRO C 146 -11.67 3.82 25.07
C PRO C 146 -10.84 3.59 26.34
N ALA C 147 -11.25 4.14 27.47
CA ALA C 147 -10.45 4.07 28.70
C ALA C 147 -10.10 2.63 29.05
N SER C 148 -11.07 1.74 28.86
CA SER C 148 -10.88 0.32 29.12
C SER C 148 -9.77 -0.27 28.26
N VAL C 149 -9.89 -0.06 26.94
CA VAL C 149 -8.90 -0.51 25.97
C VAL C 149 -7.49 -0.05 26.32
N HIS C 150 -7.35 1.22 26.68
CA HIS C 150 -6.05 1.81 26.97
C HIS C 150 -5.33 1.06 28.10
N GLN C 151 -6.04 0.82 29.20
CA GLN C 151 -5.44 0.06 30.31
C GLN C 151 -5.02 -1.34 29.88
N ARG C 152 -5.86 -1.99 29.08
CA ARG C 152 -5.58 -3.33 28.58
C ARG C 152 -4.32 -3.35 27.72
N LEU C 153 -4.19 -2.33 26.87
CA LEU C 153 -3.02 -2.19 26.00
C LEU C 153 -1.74 -2.04 26.81
N LEU C 154 -1.78 -1.19 27.83
CA LEU C 154 -0.63 -0.99 28.70
C LEU C 154 -0.25 -2.33 29.33
N GLY C 155 -1.27 -3.10 29.71
CA GLY C 155 -1.08 -4.42 30.27
C GLY C 155 -0.32 -5.37 29.35
N LYS C 156 -0.68 -5.39 28.07
CA LYS C 156 -0.01 -6.27 27.11
C LYS C 156 1.43 -5.84 26.89
N LEU C 157 1.70 -4.55 27.01
CA LEU C 157 3.03 -4.03 26.77
C LEU C 157 3.93 -4.20 28.00
N ARG C 158 3.40 -3.89 29.18
CA ARG C 158 4.16 -4.03 30.42
C ARG C 158 4.01 -5.44 30.99
C6 I7S D . 11.84 7.31 -0.79
C1 I7S D . 12.02 11.02 -1.31
C7 I7S D . 9.52 8.23 0.68
C4 I7S D . 10.42 9.22 -0.03
C2 I7S D . 10.96 11.54 -0.63
C3 I7S D . 10.15 10.61 0.01
O3 I7S D . 9.93 7.59 1.69
O2 I7S D . 8.33 8.05 0.26
C5 I7S D . 11.52 8.79 -0.73
O1 I7S D . 10.89 6.47 -0.78
O I7S D . 13.00 6.86 -0.88
N I7S D . 12.25 9.71 -1.33
C I7S D . 12.93 11.99 -2.02
C6 I7S E . -4.96 -6.88 -11.21
C1 I7S E . -6.11 -5.15 -14.32
C7 I7S E . -3.21 -4.47 -11.33
C4 I7S E . -4.24 -4.75 -12.39
C2 I7S E . -5.33 -4.02 -14.43
C3 I7S E . -4.37 -3.81 -13.44
O3 I7S E . -3.27 -3.39 -10.70
O2 I7S E . -2.31 -5.31 -11.06
C5 I7S E . -5.08 -5.87 -12.34
O1 I7S E . -4.97 -8.14 -11.34
O I7S E . -4.86 -6.45 -10.02
N I7S E . -5.97 -6.01 -13.31
C I7S E . -7.15 -5.40 -15.39
C6 I7S F . -8.08 1.39 11.17
C1 I7S F . -11.15 3.53 11.32
C7 I7S F . -9.25 1.10 8.41
C4 I7S F . -9.91 1.95 9.47
C2 I7S F . -11.74 3.44 10.07
C3 I7S F . -11.10 2.62 9.12
O3 I7S F . -9.21 -0.16 8.55
O2 I7S F . -8.75 1.65 7.40
C5 I7S F . -9.38 2.10 10.75
O1 I7S F . -7.10 1.34 10.38
O I7S F . -7.93 0.86 12.31
N I7S F . -10.03 2.89 11.60
C I7S F . -11.81 4.40 12.36
#